data_1PQR
#
_entry.id   1PQR
#
_entity_poly.entity_id   1
_entity_poly.type   'polypeptide(L)'
_entity_poly.pdbx_seq_one_letter_code
;GCCGPY(HYP)NAACH(HYP)CGCKVGR(HYP)(HYP)YCDR(HYP)SGG(NH2)
;
_entity_poly.pdbx_strand_id   A
#
# COMPACT_ATOMS: atom_id res chain seq x y z
N GLY A 1 -9.51 3.17 -5.20
CA GLY A 1 -9.16 4.53 -4.76
C GLY A 1 -8.41 4.52 -3.42
N CYS A 2 -7.06 4.59 -3.49
CA CYS A 2 -6.19 4.58 -2.29
C CYS A 2 -5.30 5.86 -2.38
N CYS A 3 -3.96 5.76 -2.42
CA CYS A 3 -3.05 6.90 -2.68
C CYS A 3 -1.77 6.36 -3.35
N GLY A 4 -0.75 5.91 -2.59
CA GLY A 4 0.48 5.30 -3.18
C GLY A 4 1.85 5.86 -2.70
N PRO A 5 2.99 5.53 -3.37
CA PRO A 5 4.36 6.00 -3.02
C PRO A 5 4.72 7.51 -2.85
N TYR A 6 3.86 8.45 -3.28
CA TYR A 6 4.20 9.90 -3.38
C TYR A 6 3.89 10.60 -2.01
N ASN A 8 3.97 11.65 2.34
CA ASN A 8 3.95 10.84 3.61
C ASN A 8 2.94 11.33 4.70
N ALA A 9 1.72 11.79 4.34
CA ALA A 9 0.62 12.05 5.31
C ALA A 9 -0.17 10.71 5.42
N ALA A 10 -1.23 10.52 4.60
CA ALA A 10 -1.89 9.19 4.44
C ALA A 10 -1.28 8.29 3.30
N CYS A 11 -0.38 8.84 2.46
CA CYS A 11 0.09 8.20 1.22
C CYS A 11 1.31 7.28 1.50
N HIS A 12 1.12 5.97 1.26
CA HIS A 12 2.12 4.92 1.57
C HIS A 12 2.23 3.92 0.37
N CYS A 14 2.37 0.38 0.13
CA CYS A 14 1.27 -0.58 0.36
C CYS A 14 0.35 -0.18 1.56
N GLY A 15 -0.20 1.05 1.52
CA GLY A 15 -1.30 1.44 2.46
C GLY A 15 -2.71 0.90 2.06
N CYS A 16 -2.87 0.49 0.78
CA CYS A 16 -4.12 -0.04 0.19
C CYS A 16 -4.48 -1.50 0.61
N LYS A 17 -5.69 -1.93 0.20
CA LYS A 17 -6.12 -3.34 0.30
C LYS A 17 -5.54 -4.18 -0.86
N VAL A 18 -6.17 -4.00 -2.02
CA VAL A 18 -5.77 -4.63 -3.30
C VAL A 18 -4.86 -3.66 -4.13
N GLY A 19 -3.84 -4.21 -4.81
CA GLY A 19 -2.96 -3.44 -5.72
C GLY A 19 -1.81 -2.74 -4.98
N ARG A 20 -0.70 -3.47 -4.76
CA ARG A 20 0.40 -3.01 -3.88
C ARG A 20 1.74 -3.79 -4.06
N TYR A 23 6.56 -7.33 -1.36
CA TYR A 23 6.58 -7.70 0.10
C TYR A 23 5.21 -7.74 0.84
N CYS A 24 4.28 -6.86 0.45
CA CYS A 24 2.93 -6.71 1.06
C CYS A 24 1.83 -7.67 0.54
N ASP A 25 1.99 -8.18 -0.68
CA ASP A 25 1.19 -9.29 -1.25
C ASP A 25 1.83 -10.69 -0.94
N ARG A 26 3.16 -10.79 -0.77
CA ARG A 26 3.85 -12.01 -0.25
C ARG A 26 3.48 -12.28 1.26
N SER A 28 2.80 -12.12 4.92
CA SER A 28 3.27 -11.24 6.01
C SER A 28 3.26 -11.95 7.41
N GLY A 29 2.09 -12.32 7.95
CA GLY A 29 2.00 -13.00 9.26
C GLY A 29 0.53 -13.28 9.63
N GLY A 30 -0.08 -12.40 10.43
CA GLY A 30 -1.48 -12.54 10.87
C GLY A 30 -2.47 -11.84 9.92
N GLY A 1 -8.73 3.44 -6.08
CA GLY A 1 -8.32 4.78 -5.59
C GLY A 1 -7.65 4.70 -4.21
N CYS A 2 -6.29 4.68 -4.20
CA CYS A 2 -5.50 4.60 -2.96
C CYS A 2 -4.63 5.90 -2.91
N CYS A 3 -3.28 5.77 -2.83
CA CYS A 3 -2.34 6.91 -3.00
C CYS A 3 -1.01 6.35 -3.57
N GLY A 4 -0.13 5.75 -2.74
CA GLY A 4 1.12 5.13 -3.22
C GLY A 4 2.41 5.99 -3.00
N PRO A 5 3.42 6.00 -3.93
CA PRO A 5 4.64 6.84 -3.83
C PRO A 5 4.42 8.34 -4.21
N TYR A 6 3.77 9.05 -3.28
CA TYR A 6 3.26 10.45 -3.46
C TYR A 6 3.27 11.19 -2.07
N ASN A 8 2.47 13.08 1.78
CA ASN A 8 2.90 13.00 3.21
C ASN A 8 1.86 12.35 4.19
N ALA A 9 0.59 12.79 4.23
CA ALA A 9 -0.38 12.38 5.29
C ALA A 9 -0.86 10.90 5.20
N ALA A 10 -1.89 10.59 4.39
CA ALA A 10 -2.30 9.17 4.12
C ALA A 10 -1.41 8.33 3.14
N CYS A 11 -0.51 8.99 2.38
CA CYS A 11 0.19 8.35 1.26
C CYS A 11 1.30 7.34 1.67
N HIS A 12 1.09 6.08 1.26
CA HIS A 12 1.97 4.94 1.62
C HIS A 12 1.94 3.91 0.45
N CYS A 14 2.52 0.41 0.57
CA CYS A 14 1.67 -0.65 1.20
C CYS A 14 0.44 -0.15 2.02
N GLY A 15 -0.01 1.12 1.85
CA GLY A 15 -1.30 1.59 2.42
C GLY A 15 -2.59 0.95 1.83
N CYS A 16 -2.59 0.61 0.53
CA CYS A 16 -3.72 -0.03 -0.18
C CYS A 16 -4.13 -1.44 0.34
N LYS A 17 -5.40 -1.80 0.07
CA LYS A 17 -5.91 -3.18 0.29
C LYS A 17 -5.51 -4.13 -0.85
N VAL A 18 -6.16 -3.89 -1.98
CA VAL A 18 -5.90 -4.60 -3.27
C VAL A 18 -5.00 -3.72 -4.19
N GLY A 19 -3.97 -4.34 -4.79
CA GLY A 19 -3.08 -3.67 -5.78
C GLY A 19 -1.92 -2.93 -5.11
N ARG A 20 -0.80 -3.63 -4.89
CA ARG A 20 0.32 -3.11 -4.07
C ARG A 20 1.70 -3.83 -4.30
N TYR A 23 6.68 -7.03 -1.61
CA TYR A 23 6.65 -7.34 -0.15
C TYR A 23 5.26 -7.27 0.55
N CYS A 24 4.38 -6.38 0.07
CA CYS A 24 3.02 -6.15 0.65
C CYS A 24 1.88 -7.04 0.08
N ASP A 25 2.06 -7.55 -1.15
CA ASP A 25 1.22 -8.59 -1.77
C ASP A 25 1.73 -10.03 -1.47
N ARG A 26 3.07 -10.26 -1.43
CA ARG A 26 3.65 -11.53 -0.91
C ARG A 26 3.41 -11.69 0.62
N SER A 28 2.98 -11.29 4.29
CA SER A 28 3.74 -10.44 5.25
C SER A 28 3.81 -11.02 6.69
N GLY A 29 2.66 -11.15 7.39
CA GLY A 29 2.63 -11.70 8.77
C GLY A 29 1.19 -11.76 9.30
N GLY A 30 0.80 -10.75 10.09
CA GLY A 30 -0.56 -10.69 10.67
C GLY A 30 -0.74 -9.41 11.50
N GLY A 1 4.68 3.52 -4.74
CA GLY A 1 3.85 2.44 -5.31
C GLY A 1 2.36 2.84 -5.34
N CYS A 2 1.63 2.53 -4.25
CA CYS A 2 0.22 2.99 -4.06
C CYS A 2 0.11 4.51 -3.75
N CYS A 3 0.89 5.03 -2.76
CA CYS A 3 1.02 6.49 -2.53
C CYS A 3 2.53 6.80 -2.34
N GLY A 4 3.12 6.70 -1.12
CA GLY A 4 4.50 7.22 -0.92
C GLY A 4 4.59 8.70 -0.42
N PRO A 5 5.73 9.44 -0.58
CA PRO A 5 5.96 10.77 0.07
C PRO A 5 5.22 12.01 -0.56
N TYR A 6 3.88 11.97 -0.49
CA TYR A 6 2.99 13.15 -0.70
C TYR A 6 1.89 12.95 0.40
N ASN A 8 -1.35 12.88 2.92
CA ASN A 8 -2.65 13.24 3.56
C ASN A 8 -2.56 12.72 5.03
N ALA A 9 -2.71 11.39 5.26
CA ALA A 9 -2.41 10.76 6.57
C ALA A 9 -0.92 10.34 6.53
N ALA A 10 -0.63 9.04 6.47
CA ALA A 10 0.75 8.55 6.15
C ALA A 10 1.03 8.65 4.61
N CYS A 11 0.03 8.21 3.81
CA CYS A 11 0.09 8.05 2.33
C CYS A 11 1.26 7.06 2.01
N HIS A 12 0.99 5.74 2.11
CA HIS A 12 2.04 4.68 2.07
C HIS A 12 2.08 3.88 0.72
N CYS A 14 2.61 0.35 0.61
CA CYS A 14 1.63 -0.66 1.10
C CYS A 14 0.32 -0.06 1.74
N GLY A 15 -0.03 1.23 1.49
CA GLY A 15 -1.36 1.79 1.84
C GLY A 15 -2.60 1.16 1.12
N CYS A 16 -2.40 0.61 -0.09
CA CYS A 16 -3.39 -0.22 -0.84
C CYS A 16 -3.94 -1.44 -0.05
N LYS A 17 -5.25 -1.65 -0.19
CA LYS A 17 -5.94 -2.87 0.28
C LYS A 17 -5.80 -4.06 -0.71
N VAL A 18 -6.21 -3.79 -1.94
CA VAL A 18 -6.03 -4.70 -3.11
C VAL A 18 -5.05 -3.99 -4.10
N GLY A 19 -3.95 -4.69 -4.47
CA GLY A 19 -2.97 -4.19 -5.44
C GLY A 19 -1.86 -3.28 -4.86
N ARG A 20 -1.01 -3.86 -4.00
CA ARG A 20 0.19 -3.19 -3.46
C ARG A 20 1.50 -3.49 -4.26
N TYR A 23 6.52 -6.70 -2.57
CA TYR A 23 6.66 -7.22 -1.19
C TYR A 23 5.32 -7.31 -0.38
N CYS A 24 4.37 -6.38 -0.59
CA CYS A 24 3.10 -6.34 0.19
C CYS A 24 1.92 -7.15 -0.44
N ASP A 25 1.94 -7.34 -1.77
CA ASP A 25 1.03 -8.24 -2.50
C ASP A 25 1.73 -9.58 -2.90
N ARG A 26 2.97 -9.53 -3.42
CA ARG A 26 3.80 -10.75 -3.60
C ARG A 26 4.31 -11.23 -2.21
N SER A 28 5.74 -11.48 1.16
CA SER A 28 6.95 -11.09 1.90
C SER A 28 6.54 -10.38 3.22
N GLY A 29 6.23 -9.06 3.19
CA GLY A 29 5.78 -8.33 4.39
C GLY A 29 5.78 -6.82 4.17
N GLY A 30 6.84 -6.14 4.66
CA GLY A 30 6.92 -4.67 4.67
C GLY A 30 8.37 -4.19 4.77
N GLY A 1 -4.50 1.94 -9.00
CA GLY A 1 -4.01 3.26 -8.54
C GLY A 1 -4.35 3.50 -7.07
N CYS A 2 -3.37 3.25 -6.17
CA CYS A 2 -3.53 3.42 -4.70
C CYS A 2 -2.92 4.79 -4.29
N CYS A 3 -1.67 4.89 -3.77
CA CYS A 3 -1.12 6.15 -3.26
C CYS A 3 0.37 6.22 -3.69
N GLY A 4 1.36 6.08 -2.77
CA GLY A 4 2.79 6.01 -3.17
C GLY A 4 3.38 7.34 -3.74
N PRO A 5 4.15 7.32 -4.85
CA PRO A 5 4.58 8.57 -5.56
C PRO A 5 3.49 9.46 -6.23
N TYR A 6 2.22 9.00 -6.36
CA TYR A 6 1.05 9.88 -6.64
C TYR A 6 0.00 9.66 -5.51
N ASN A 8 -2.78 10.89 -1.90
CA ASN A 8 -3.71 11.99 -1.49
C ASN A 8 -2.84 13.04 -0.72
N ALA A 9 -2.55 12.83 0.58
CA ALA A 9 -1.55 13.65 1.33
C ALA A 9 -0.21 12.88 1.15
N ALA A 10 0.13 11.96 2.07
CA ALA A 10 1.23 10.99 1.83
C ALA A 10 0.69 9.62 2.32
N CYS A 11 -0.36 9.15 1.64
CA CYS A 11 -0.88 7.76 1.77
C CYS A 11 0.24 6.83 1.18
N HIS A 12 0.43 5.64 1.75
CA HIS A 12 1.63 4.80 1.48
C HIS A 12 1.57 3.80 0.27
N CYS A 14 2.66 0.39 0.40
CA CYS A 14 1.97 -0.64 1.22
C CYS A 14 0.73 -0.15 2.05
N GLY A 15 0.25 1.12 1.89
CA GLY A 15 -1.05 1.56 2.46
C GLY A 15 -2.36 1.00 1.82
N CYS A 16 -2.27 0.25 0.70
CA CYS A 16 -3.40 -0.16 -0.14
C CYS A 16 -4.20 -1.38 0.39
N LYS A 17 -5.43 -1.52 -0.12
CA LYS A 17 -6.27 -2.72 0.10
C LYS A 17 -5.93 -3.81 -0.94
N VAL A 18 -6.38 -3.53 -2.16
CA VAL A 18 -6.07 -4.31 -3.38
C VAL A 18 -4.96 -3.58 -4.21
N GLY A 19 -3.95 -4.33 -4.65
CA GLY A 19 -2.90 -3.81 -5.56
C GLY A 19 -1.72 -3.14 -4.81
N ARG A 20 -0.72 -3.95 -4.42
CA ARG A 20 0.45 -3.47 -3.64
C ARG A 20 1.83 -3.82 -4.29
N TYR A 23 6.92 -6.75 -1.85
CA TYR A 23 6.98 -7.06 -0.40
C TYR A 23 5.62 -7.00 0.38
N CYS A 24 4.71 -6.10 -0.03
CA CYS A 24 3.38 -5.91 0.62
C CYS A 24 2.21 -6.78 0.06
N ASP A 25 2.35 -7.24 -1.19
CA ASP A 25 1.45 -8.23 -1.82
C ASP A 25 1.94 -9.69 -1.58
N ARG A 26 3.28 -9.95 -1.68
CA ARG A 26 3.86 -11.25 -1.25
C ARG A 26 3.84 -11.38 0.31
N SER A 28 3.95 -10.88 3.98
CA SER A 28 4.91 -10.14 4.84
C SER A 28 5.03 -10.73 6.27
N GLY A 29 3.97 -10.68 7.10
CA GLY A 29 4.00 -11.23 8.46
C GLY A 29 2.64 -11.05 9.17
N GLY A 30 2.52 -9.99 9.98
CA GLY A 30 1.26 -9.69 10.71
C GLY A 30 1.41 -8.41 11.55
N GLY A 1 -10.35 3.91 -2.22
CA GLY A 1 -9.36 4.94 -2.56
C GLY A 1 -8.10 4.82 -1.68
N CYS A 2 -7.04 4.21 -2.23
CA CYS A 2 -5.74 4.03 -1.52
C CYS A 2 -4.88 5.31 -1.74
N CYS A 3 -3.80 5.25 -2.55
CA CYS A 3 -3.02 6.43 -2.96
C CYS A 3 -2.42 6.13 -4.35
N GLY A 4 -1.34 5.32 -4.43
CA GLY A 4 -0.70 4.97 -5.71
C GLY A 4 -0.07 6.18 -6.49
N PRO A 5 -0.15 6.24 -7.85
CA PRO A 5 0.22 7.45 -8.64
C PRO A 5 -0.70 8.71 -8.53
N TYR A 6 -1.94 8.59 -7.99
CA TYR A 6 -2.90 9.72 -7.88
C TYR A 6 -3.45 9.69 -6.41
N ASN A 8 -5.09 9.72 -2.45
CA ASN A 8 -6.41 9.86 -1.78
C ASN A 8 -6.13 9.74 -0.24
N ALA A 9 -6.58 8.66 0.42
CA ALA A 9 -6.59 8.52 1.91
C ALA A 9 -5.34 7.88 2.60
N ALA A 10 -4.82 6.77 2.04
CA ALA A 10 -3.79 5.93 2.71
C ALA A 10 -2.44 6.04 1.96
N CYS A 11 -1.77 7.21 2.08
CA CYS A 11 -0.60 7.49 1.20
C CYS A 11 0.72 6.91 1.81
N HIS A 12 0.97 5.68 1.33
CA HIS A 12 2.12 4.79 1.67
C HIS A 12 2.38 3.91 0.38
N CYS A 14 2.54 0.45 0.01
CA CYS A 14 1.33 -0.39 0.16
C CYS A 14 0.46 0.07 1.35
N GLY A 15 -0.23 1.21 1.13
CA GLY A 15 -1.33 1.62 2.05
C GLY A 15 -2.71 0.92 1.73
N CYS A 16 -2.75 0.06 0.68
CA CYS A 16 -3.94 -0.54 0.05
C CYS A 16 -4.44 -1.89 0.62
N LYS A 17 -5.65 -2.23 0.16
CA LYS A 17 -6.26 -3.58 0.33
C LYS A 17 -5.84 -4.47 -0.85
N VAL A 18 -6.30 -4.06 -2.05
CA VAL A 18 -5.87 -4.62 -3.36
C VAL A 18 -5.01 -3.55 -4.13
N GLY A 19 -3.86 -3.97 -4.68
CA GLY A 19 -2.99 -3.12 -5.52
C GLY A 19 -1.85 -2.45 -4.74
N ARG A 20 -0.74 -3.20 -4.54
CA ARG A 20 0.36 -2.80 -3.62
C ARG A 20 1.66 -3.66 -3.81
N TYR A 23 6.08 -7.42 -0.89
CA TYR A 23 6.00 -7.69 0.58
C TYR A 23 4.59 -7.57 1.26
N CYS A 24 3.72 -6.70 0.71
CA CYS A 24 2.35 -6.47 1.21
C CYS A 24 1.25 -7.45 0.70
N ASP A 25 1.50 -8.07 -0.47
CA ASP A 25 0.71 -9.20 -1.01
C ASP A 25 1.23 -10.59 -0.51
N ARG A 26 2.55 -10.77 -0.26
CA ARG A 26 3.08 -11.98 0.44
C ARG A 26 2.67 -12.05 1.95
N SER A 28 1.88 -11.38 5.46
CA SER A 28 2.13 -10.25 6.40
C SER A 28 2.14 -10.67 7.90
N GLY A 29 1.05 -11.25 8.43
CA GLY A 29 0.98 -11.67 9.84
C GLY A 29 -0.40 -12.27 10.17
N GLY A 30 -0.50 -13.61 10.15
CA GLY A 30 -1.76 -14.30 10.43
C GLY A 30 -1.60 -15.83 10.31
N GLY A 1 -9.77 3.07 -5.11
CA GLY A 1 -9.45 4.45 -4.71
C GLY A 1 -8.68 4.47 -3.37
N CYS A 2 -7.34 4.57 -3.46
CA CYS A 2 -6.44 4.60 -2.27
C CYS A 2 -5.58 5.90 -2.41
N CYS A 3 -4.24 5.81 -2.45
CA CYS A 3 -3.35 6.96 -2.73
C CYS A 3 -2.06 6.43 -3.41
N GLY A 4 -1.07 5.89 -2.67
CA GLY A 4 0.15 5.29 -3.30
C GLY A 4 1.53 5.77 -2.75
N PRO A 5 2.67 5.35 -3.35
CA PRO A 5 4.05 5.64 -2.85
C PRO A 5 4.50 7.07 -2.40
N TYR A 6 3.90 8.15 -2.93
CA TYR A 6 4.44 9.54 -2.74
C TYR A 6 3.75 10.18 -1.49
N ASN A 8 1.90 12.36 1.55
CA ASN A 8 1.21 13.62 1.87
C ASN A 8 0.27 13.36 3.08
N ALA A 9 -0.96 12.84 2.87
CA ALA A 9 -1.92 12.53 3.96
C ALA A 9 -1.74 11.07 4.46
N ALA A 10 -2.51 10.10 3.92
CA ALA A 10 -2.27 8.63 4.14
C ALA A 10 -1.70 7.96 2.86
N CYS A 11 -0.59 8.51 2.34
CA CYS A 11 -0.08 8.12 1.00
C CYS A 11 1.19 7.26 1.17
N HIS A 12 0.96 5.94 1.22
CA HIS A 12 1.99 4.92 1.51
C HIS A 12 2.10 3.88 0.35
N CYS A 14 2.34 0.30 0.17
CA CYS A 14 1.24 -0.66 0.44
C CYS A 14 0.34 -0.22 1.63
N GLY A 15 -0.20 1.01 1.57
CA GLY A 15 -1.27 1.45 2.50
C GLY A 15 -2.69 0.91 2.11
N CYS A 16 -2.91 0.69 0.81
CA CYS A 16 -4.10 0.07 0.21
C CYS A 16 -4.37 -1.42 0.60
N LYS A 17 -5.58 -1.89 0.28
CA LYS A 17 -5.94 -3.33 0.36
C LYS A 17 -5.41 -4.13 -0.85
N VAL A 18 -6.07 -3.89 -1.98
CA VAL A 18 -5.75 -4.50 -3.29
C VAL A 18 -4.80 -3.59 -4.13
N GLY A 19 -3.83 -4.20 -4.83
CA GLY A 19 -2.93 -3.50 -5.78
C GLY A 19 -1.76 -2.77 -5.12
N ARG A 20 -0.72 -3.52 -4.71
CA ARG A 20 0.42 -3.00 -3.91
C ARG A 20 1.75 -3.82 -4.11
N TYR A 23 6.69 -7.14 -1.43
CA TYR A 23 6.88 -7.44 0.02
C TYR A 23 5.60 -7.50 0.91
N CYS A 24 4.56 -6.72 0.54
CA CYS A 24 3.28 -6.61 1.29
C CYS A 24 2.25 -7.74 1.04
N ASP A 25 2.24 -8.28 -0.18
CA ASP A 25 1.49 -9.52 -0.54
C ASP A 25 2.32 -10.83 -0.33
N ARG A 26 3.67 -10.79 -0.47
CA ARG A 26 4.56 -11.91 -0.08
C ARG A 26 4.57 -12.09 1.48
N SER A 28 4.84 -11.77 5.19
CA SER A 28 5.82 -11.11 6.08
C SER A 28 6.06 -11.84 7.45
N GLY A 29 5.01 -12.04 8.26
CA GLY A 29 5.14 -12.72 9.57
C GLY A 29 3.79 -12.79 10.29
N GLY A 30 3.53 -11.84 11.21
CA GLY A 30 2.26 -11.77 11.96
C GLY A 30 2.37 -12.44 13.35
N GLY A 1 -5.91 2.20 -8.26
CA GLY A 1 -5.77 3.53 -7.64
C GLY A 1 -5.69 3.43 -6.11
N CYS A 2 -4.46 3.47 -5.57
CA CYS A 2 -4.20 3.35 -4.12
C CYS A 2 -3.98 4.79 -3.56
N CYS A 3 -2.76 5.18 -3.13
CA CYS A 3 -2.42 6.58 -2.78
C CYS A 3 -0.92 6.82 -3.07
N GLY A 4 0.03 6.31 -2.24
CA GLY A 4 1.48 6.36 -2.57
C GLY A 4 2.37 7.25 -1.65
N PRO A 5 3.68 7.49 -1.99
CA PRO A 5 4.65 8.15 -1.07
C PRO A 5 4.61 9.71 -0.98
N TYR A 6 3.48 10.25 -0.49
CA TYR A 6 3.37 11.64 0.01
C TYR A 6 2.50 11.49 1.31
N ASN A 8 0.18 11.64 4.74
CA ASN A 8 -0.63 12.46 5.67
C ASN A 8 -1.44 11.46 6.54
N ALA A 9 -2.58 10.92 6.05
CA ALA A 9 -3.37 9.88 6.75
C ALA A 9 -2.91 8.45 6.33
N ALA A 10 -3.57 7.81 5.36
CA ALA A 10 -3.17 6.48 4.82
C ALA A 10 -2.18 6.45 3.62
N CYS A 11 -1.62 7.60 3.19
CA CYS A 11 -0.86 7.67 1.91
C CYS A 11 0.55 7.02 2.00
N HIS A 12 0.63 5.78 1.50
CA HIS A 12 1.82 4.90 1.61
C HIS A 12 1.90 3.94 0.38
N CYS A 14 2.67 0.42 0.40
CA CYS A 14 1.86 -0.72 0.93
C CYS A 14 0.71 -0.31 1.90
N GLY A 15 0.11 0.89 1.72
CA GLY A 15 -1.14 1.27 2.40
C GLY A 15 -2.47 0.75 1.74
N CYS A 16 -2.38 0.14 0.53
CA CYS A 16 -3.51 -0.33 -0.29
C CYS A 16 -4.46 -1.39 0.34
N LYS A 17 -5.67 -1.45 -0.22
CA LYS A 17 -6.67 -2.53 0.06
C LYS A 17 -6.48 -3.77 -0.84
N VAL A 18 -6.40 -3.51 -2.15
CA VAL A 18 -6.02 -4.50 -3.18
C VAL A 18 -5.03 -3.80 -4.17
N GLY A 19 -3.86 -4.42 -4.39
CA GLY A 19 -2.86 -3.93 -5.36
C GLY A 19 -1.67 -3.21 -4.70
N ARG A 20 -0.68 -4.00 -4.26
CA ARG A 20 0.50 -3.50 -3.49
C ARG A 20 1.85 -3.70 -4.24
N TYR A 23 7.07 -6.57 -2.39
CA TYR A 23 7.11 -7.09 -0.99
C TYR A 23 5.70 -7.29 -0.33
N CYS A 24 4.76 -6.37 -0.55
CA CYS A 24 3.39 -6.40 0.06
C CYS A 24 2.27 -7.14 -0.74
N ASP A 25 2.55 -7.55 -1.99
CA ASP A 25 1.65 -8.35 -2.86
C ASP A 25 2.38 -9.56 -3.52
N ARG A 26 3.65 -9.40 -3.96
CA ARG A 26 4.48 -10.56 -4.40
C ARG A 26 4.87 -11.45 -3.16
N SER A 28 6.13 -12.78 0.01
CA SER A 28 7.31 -12.51 0.87
C SER A 28 7.61 -13.65 1.89
N GLY A 29 6.70 -13.95 2.83
CA GLY A 29 6.91 -15.01 3.83
C GLY A 29 5.70 -15.12 4.77
N GLY A 30 5.79 -14.46 5.94
CA GLY A 30 4.70 -14.49 6.94
C GLY A 30 5.07 -13.63 8.18
N GLY A 1 -0.03 2.02 -9.41
CA GLY A 1 -0.69 0.92 -8.68
C GLY A 1 -1.41 1.44 -7.42
N CYS A 2 -0.74 1.33 -6.26
CA CYS A 2 -1.31 1.72 -4.94
C CYS A 2 -1.19 3.26 -4.70
N CYS A 3 -0.08 3.78 -4.14
CA CYS A 3 0.01 5.18 -3.67
C CYS A 3 1.46 5.66 -3.98
N GLY A 4 2.41 5.60 -3.02
CA GLY A 4 3.83 5.85 -3.31
C GLY A 4 4.31 7.33 -3.26
N PRO A 5 5.51 7.68 -3.79
CA PRO A 5 5.97 9.09 -3.93
C PRO A 5 5.29 9.99 -5.03
N TYR A 6 4.27 9.50 -5.77
CA TYR A 6 3.61 10.24 -6.88
C TYR A 6 2.40 11.11 -6.39
N ASN A 8 -0.01 13.74 -3.81
CA ASN A 8 0.35 15.08 -3.25
C ASN A 8 1.01 15.02 -1.84
N ALA A 9 0.34 14.44 -0.82
CA ALA A 9 0.90 14.32 0.56
C ALA A 9 1.72 13.03 0.89
N ALA A 10 2.56 12.57 -0.07
CA ALA A 10 3.26 11.25 -0.04
C ALA A 10 2.51 10.10 0.67
N CYS A 11 1.36 9.75 0.07
CA CYS A 11 0.58 8.53 0.41
C CYS A 11 1.50 7.25 0.41
N HIS A 12 1.18 6.20 1.19
CA HIS A 12 2.15 5.11 1.45
C HIS A 12 2.13 3.94 0.41
N CYS A 14 2.56 0.38 0.59
CA CYS A 14 1.63 -0.66 1.10
C CYS A 14 0.52 -0.09 2.04
N GLY A 15 -0.02 1.11 1.75
CA GLY A 15 -1.23 1.62 2.43
C GLY A 15 -2.61 1.16 1.84
N CYS A 16 -2.61 0.30 0.81
CA CYS A 16 -3.81 -0.11 0.04
C CYS A 16 -4.51 -1.38 0.61
N LYS A 17 -5.43 -1.95 -0.19
CA LYS A 17 -6.04 -3.27 0.06
C LYS A 17 -5.64 -4.22 -1.08
N VAL A 18 -6.29 -3.97 -2.23
CA VAL A 18 -5.99 -4.65 -3.52
C VAL A 18 -4.94 -3.83 -4.32
N GLY A 19 -3.85 -4.50 -4.74
CA GLY A 19 -2.86 -3.93 -5.68
C GLY A 19 -1.69 -3.10 -5.11
N ARG A 20 -1.01 -3.61 -4.05
CA ARG A 20 0.26 -3.03 -3.55
C ARG A 20 1.54 -3.53 -4.27
N TYR A 23 6.00 -7.19 -1.95
CA TYR A 23 5.98 -7.68 -0.54
C TYR A 23 4.56 -7.68 0.13
N CYS A 24 3.73 -6.65 -0.13
CA CYS A 24 2.35 -6.54 0.45
C CYS A 24 1.18 -7.14 -0.40
N ASP A 25 1.44 -7.52 -1.65
CA ASP A 25 0.44 -8.12 -2.58
C ASP A 25 1.01 -9.35 -3.35
N ARG A 26 2.30 -9.34 -3.78
CA ARG A 26 2.97 -10.55 -4.31
C ARG A 26 3.19 -11.63 -3.19
N SER A 28 4.13 -13.48 -0.16
CA SER A 28 5.29 -13.37 0.75
C SER A 28 5.28 -14.53 1.80
N GLY A 29 5.86 -15.70 1.45
CA GLY A 29 5.90 -16.86 2.37
C GLY A 29 6.60 -18.06 1.71
N GLY A 30 7.90 -18.25 2.00
CA GLY A 30 8.69 -19.36 1.44
C GLY A 30 10.13 -19.32 1.94
N GLY A 1 -3.75 2.60 -8.49
CA GLY A 1 -2.55 1.92 -7.97
C GLY A 1 -2.61 1.75 -6.44
N CYS A 2 -1.96 2.67 -5.70
CA CYS A 2 -2.00 2.70 -4.22
C CYS A 2 -1.58 4.12 -3.72
N CYS A 3 -2.54 5.04 -3.47
CA CYS A 3 -2.26 6.32 -2.77
C CYS A 3 -3.39 6.50 -1.71
N GLY A 4 -3.47 5.54 -0.76
CA GLY A 4 -4.60 5.41 0.18
C GLY A 4 -5.82 4.66 -0.46
N PRO A 5 -7.00 4.59 0.21
CA PRO A 5 -8.26 4.09 -0.41
C PRO A 5 -8.92 5.03 -1.48
N TYR A 6 -8.55 6.33 -1.52
CA TYR A 6 -9.20 7.39 -2.32
C TYR A 6 -8.20 8.53 -2.75
N ASN A 8 -4.43 11.15 -3.38
CA ASN A 8 -3.27 11.19 -4.33
C ASN A 8 -2.04 11.79 -3.60
N ALA A 9 -2.14 12.99 -2.97
CA ALA A 9 -1.10 13.55 -2.07
C ALA A 9 -0.78 12.75 -0.76
N ALA A 10 -1.73 11.97 -0.20
CA ALA A 10 -1.45 11.02 0.92
C ALA A 10 -1.06 9.59 0.42
N CYS A 11 -0.06 9.52 -0.48
CA CYS A 11 0.43 8.24 -1.05
C CYS A 11 1.40 7.50 -0.10
N HIS A 12 1.03 6.25 0.27
CA HIS A 12 1.93 5.33 1.02
C HIS A 12 1.96 3.97 0.23
N CYS A 14 2.56 0.42 0.63
CA CYS A 14 1.73 -0.65 1.24
C CYS A 14 0.84 -0.09 2.38
N GLY A 15 -0.09 0.79 1.99
CA GLY A 15 -1.21 1.26 2.85
C GLY A 15 -2.63 0.91 2.29
N CYS A 16 -2.73 0.31 1.07
CA CYS A 16 -3.99 0.12 0.32
C CYS A 16 -4.64 -1.24 0.67
N LYS A 17 -4.49 -2.28 -0.17
CA LYS A 17 -5.25 -3.54 -0.03
C LYS A 17 -5.13 -4.33 -1.34
N VAL A 18 -6.02 -3.94 -2.27
CA VAL A 18 -6.03 -4.47 -3.66
C VAL A 18 -5.16 -3.53 -4.55
N GLY A 19 -4.09 -4.10 -5.14
CA GLY A 19 -3.07 -3.31 -5.88
C GLY A 19 -2.02 -2.71 -4.94
N ARG A 20 -0.90 -3.43 -4.74
CA ARG A 20 0.08 -3.08 -3.70
C ARG A 20 1.43 -3.86 -3.91
N TYR A 23 6.07 -7.44 -1.43
CA TYR A 23 6.03 -7.85 0.01
C TYR A 23 4.62 -7.84 0.69
N CYS A 24 3.76 -6.87 0.31
CA CYS A 24 2.39 -6.71 0.84
C CYS A 24 1.25 -7.44 0.07
N ASP A 25 1.49 -7.82 -1.19
CA ASP A 25 0.61 -8.72 -1.98
C ASP A 25 1.00 -10.21 -1.79
N ARG A 26 2.31 -10.57 -1.71
CA ARG A 26 2.73 -11.92 -1.30
C ARG A 26 2.41 -12.19 0.22
N SER A 28 2.42 -12.13 3.82
CA SER A 28 3.31 -11.56 4.86
C SER A 28 3.08 -12.18 6.27
N GLY A 29 1.91 -11.98 6.89
CA GLY A 29 1.62 -12.55 8.22
C GLY A 29 0.20 -12.16 8.68
N GLY A 30 0.10 -11.10 9.49
CA GLY A 30 -1.19 -10.60 10.02
C GLY A 30 -1.82 -9.53 9.11
N GLY A 1 1.94 -0.90 -6.57
CA GLY A 1 1.49 0.39 -7.09
C GLY A 1 0.25 0.90 -6.33
N CYS A 2 0.45 1.93 -5.48
CA CYS A 2 -0.65 2.51 -4.64
C CYS A 2 -0.58 4.05 -4.73
N CYS A 3 0.19 4.75 -3.85
CA CYS A 3 0.41 6.21 -3.95
C CYS A 3 1.91 6.53 -3.68
N GLY A 4 2.43 6.42 -2.43
CA GLY A 4 3.83 6.80 -2.13
C GLY A 4 4.02 8.08 -1.25
N PRO A 5 5.27 8.50 -0.91
CA PRO A 5 5.52 9.68 -0.03
C PRO A 5 5.34 11.04 -0.75
N TYR A 6 4.08 11.51 -0.77
CA TYR A 6 3.65 12.75 -1.47
C TYR A 6 2.78 13.55 -0.45
N ASN A 8 0.04 15.50 0.89
CA ASN A 8 -1.30 16.11 1.07
C ASN A 8 -2.03 15.10 2.00
N ALA A 9 -2.40 13.93 1.44
CA ALA A 9 -2.87 12.75 2.23
C ALA A 9 -1.71 11.83 2.71
N ALA A 10 -0.61 11.73 1.92
CA ALA A 10 0.49 10.73 2.10
C ALA A 10 0.03 9.25 2.29
N CYS A 11 -0.79 8.82 1.33
CA CYS A 11 -1.17 7.39 1.14
C CYS A 11 0.14 6.60 0.80
N HIS A 12 0.35 5.45 1.42
CA HIS A 12 1.66 4.73 1.38
C HIS A 12 1.78 3.72 0.18
N CYS A 14 2.59 0.26 0.45
CA CYS A 14 1.66 -0.69 1.11
C CYS A 14 0.55 -0.01 1.98
N GLY A 15 0.08 1.22 1.62
CA GLY A 15 -1.14 1.82 2.22
C GLY A 15 -2.49 1.19 1.74
N CYS A 16 -2.53 0.68 0.50
CA CYS A 16 -3.66 -0.06 -0.11
C CYS A 16 -4.08 -1.40 0.57
N LYS A 17 -5.14 -2.01 0.00
CA LYS A 17 -5.58 -3.39 0.29
C LYS A 17 -5.23 -4.26 -0.93
N VAL A 18 -6.01 -4.03 -2.00
CA VAL A 18 -5.75 -4.58 -3.37
C VAL A 18 -4.97 -3.52 -4.22
N GLY A 19 -3.95 -3.98 -4.96
CA GLY A 19 -3.05 -3.10 -5.74
C GLY A 19 -1.92 -2.54 -4.86
N ARG A 20 -0.84 -3.34 -4.69
CA ARG A 20 0.20 -3.05 -3.69
C ARG A 20 1.54 -3.81 -3.99
N TYR A 23 5.97 -7.52 -1.35
CA TYR A 23 5.95 -7.89 0.10
C TYR A 23 4.55 -7.80 0.81
N CYS A 24 3.76 -6.78 0.46
CA CYS A 24 2.39 -6.56 1.03
C CYS A 24 1.21 -7.24 0.28
N ASP A 25 1.39 -7.56 -1.00
CA ASP A 25 0.46 -8.39 -1.80
C ASP A 25 0.80 -9.90 -1.73
N ARG A 26 2.09 -10.30 -1.67
CA ARG A 26 2.51 -11.69 -1.36
C ARG A 26 2.16 -12.05 0.12
N SER A 28 1.59 -12.21 3.83
CA SER A 28 2.45 -11.72 4.95
C SER A 28 2.16 -12.51 6.26
N GLY A 29 2.99 -13.52 6.62
CA GLY A 29 2.78 -14.30 7.84
C GLY A 29 3.86 -15.38 8.00
N GLY A 30 3.56 -16.61 7.56
CA GLY A 30 4.50 -17.75 7.64
C GLY A 30 5.29 -17.95 6.34
N GLY A 1 4.47 0.26 -6.57
CA GLY A 1 4.20 1.61 -6.09
C GLY A 1 2.72 2.00 -6.27
N CYS A 2 1.94 1.88 -5.18
CA CYS A 2 0.46 2.14 -5.22
C CYS A 2 0.10 3.63 -4.96
N CYS A 3 0.42 4.18 -3.77
CA CYS A 3 -0.06 5.51 -3.32
C CYS A 3 1.18 6.45 -3.20
N GLY A 4 1.98 6.42 -2.11
CA GLY A 4 3.29 7.14 -2.07
C GLY A 4 3.29 8.63 -1.65
N PRO A 5 4.41 9.38 -1.83
CA PRO A 5 4.52 10.82 -1.44
C PRO A 5 3.83 11.90 -2.35
N TYR A 6 2.98 11.49 -3.31
CA TYR A 6 2.25 12.39 -4.23
C TYR A 6 0.88 12.83 -3.62
N ASN A 8 -2.04 13.59 -0.37
CA ASN A 8 -1.88 14.59 0.72
C ASN A 8 -1.45 13.96 2.09
N ALA A 9 -2.30 13.13 2.72
CA ALA A 9 -2.07 12.65 4.12
C ALA A 9 -1.28 11.32 4.25
N ALA A 10 -0.06 11.31 3.66
CA ALA A 10 0.79 10.10 3.46
C ALA A 10 0.05 8.74 3.29
N CYS A 11 -0.73 8.69 2.20
CA CYS A 11 -1.32 7.42 1.68
C CYS A 11 -0.11 6.65 1.12
N HIS A 12 0.20 5.46 1.68
CA HIS A 12 1.47 4.72 1.39
C HIS A 12 1.39 3.66 0.25
N CYS A 14 2.42 0.19 0.42
CA CYS A 14 1.69 -0.80 1.25
C CYS A 14 0.47 -0.24 2.05
N GLY A 15 0.18 1.09 2.02
CA GLY A 15 -1.09 1.63 2.56
C GLY A 15 -2.39 1.13 1.84
N CYS A 16 -2.29 0.81 0.53
CA CYS A 16 -3.35 0.11 -0.25
C CYS A 16 -3.67 -1.33 0.26
N LYS A 17 -4.98 -1.64 0.30
CA LYS A 17 -5.47 -3.03 0.53
C LYS A 17 -5.75 -3.90 -0.73
N VAL A 18 -5.59 -3.35 -1.95
CA VAL A 18 -5.85 -4.06 -3.24
C VAL A 18 -4.88 -3.45 -4.29
N GLY A 19 -3.93 -4.26 -4.81
CA GLY A 19 -2.99 -3.82 -5.87
C GLY A 19 -1.81 -2.99 -5.34
N ARG A 20 -0.73 -3.68 -4.90
CA ARG A 20 0.40 -3.04 -4.19
C ARG A 20 1.73 -3.85 -4.27
N TYR A 23 5.98 -7.51 -1.08
CA TYR A 23 5.85 -7.84 0.37
C TYR A 23 4.43 -7.68 1.01
N CYS A 24 3.70 -6.62 0.61
CA CYS A 24 2.35 -6.29 1.13
C CYS A 24 1.14 -6.91 0.36
N ASP A 25 1.35 -7.34 -0.89
CA ASP A 25 0.37 -8.15 -1.67
C ASP A 25 0.54 -9.68 -1.44
N ARG A 26 1.76 -10.18 -1.13
CA ARG A 26 1.99 -11.57 -0.67
C ARG A 26 1.29 -11.90 0.70
N SER A 28 -0.02 -11.95 4.19
CA SER A 28 0.41 -11.30 5.44
C SER A 28 -0.17 -12.05 6.68
N GLY A 29 0.62 -12.94 7.32
CA GLY A 29 0.15 -13.69 8.51
C GLY A 29 1.26 -14.60 9.06
N GLY A 30 1.22 -15.88 8.68
CA GLY A 30 2.23 -16.86 9.15
C GLY A 30 1.96 -18.24 8.55
N GLY A 1 -2.90 3.41 -8.97
CA GLY A 1 -2.61 4.67 -8.27
C GLY A 1 -3.40 4.78 -6.95
N CYS A 2 -2.75 4.43 -5.82
CA CYS A 2 -3.37 4.46 -4.48
C CYS A 2 -3.13 5.85 -3.82
N CYS A 3 -1.94 6.09 -3.21
CA CYS A 3 -1.51 7.43 -2.75
C CYS A 3 0.04 7.49 -2.86
N GLY A 4 0.79 6.81 -1.96
CA GLY A 4 2.26 6.65 -2.13
C GLY A 4 3.17 7.36 -1.08
N PRO A 5 4.53 7.37 -1.21
CA PRO A 5 5.46 7.83 -0.14
C PRO A 5 5.63 9.37 0.04
N TYR A 6 4.55 10.04 0.45
CA TYR A 6 4.58 11.41 1.03
C TYR A 6 3.49 11.39 2.15
N ASN A 8 0.44 11.66 4.76
CA ASN A 8 -0.60 12.63 5.17
C ASN A 8 -1.69 11.81 5.92
N ALA A 9 -2.67 11.20 5.21
CA ALA A 9 -3.71 10.32 5.81
C ALA A 9 -3.23 8.84 5.79
N ALA A 10 -3.54 8.06 4.73
CA ALA A 10 -2.96 6.71 4.51
C ALA A 10 -1.95 6.70 3.32
N CYS A 11 -1.01 7.67 3.26
CA CYS A 11 -0.17 7.85 2.06
C CYS A 11 1.15 7.05 2.23
N HIS A 12 1.14 5.84 1.64
CA HIS A 12 2.17 4.78 1.83
C HIS A 12 2.29 3.93 0.53
N CYS A 14 2.33 0.39 0.19
CA CYS A 14 1.17 -0.50 0.44
C CYS A 14 0.23 0.03 1.54
N GLY A 15 -0.29 1.25 1.31
CA GLY A 15 -1.41 1.80 2.12
C GLY A 15 -2.78 1.11 1.76
N CYS A 16 -2.94 0.75 0.47
CA CYS A 16 -4.02 -0.11 -0.06
C CYS A 16 -3.93 -1.60 0.37
N LYS A 17 -5.11 -2.24 0.43
CA LYS A 17 -5.24 -3.71 0.56
C LYS A 17 -5.50 -4.50 -0.75
N VAL A 18 -5.53 -3.84 -1.93
CA VAL A 18 -5.76 -4.48 -3.25
C VAL A 18 -4.98 -3.61 -4.30
N GLY A 19 -4.00 -4.23 -4.99
CA GLY A 19 -3.12 -3.53 -5.95
C GLY A 19 -1.98 -2.76 -5.24
N ARG A 20 -0.91 -3.48 -4.86
CA ARG A 20 0.15 -2.96 -3.98
C ARG A 20 1.47 -3.80 -4.01
N TYR A 23 6.15 -7.43 -1.09
CA TYR A 23 6.14 -7.77 0.36
C TYR A 23 4.78 -7.74 1.11
N CYS A 24 3.87 -6.84 0.69
CA CYS A 24 2.54 -6.63 1.31
C CYS A 24 1.41 -7.62 0.87
N ASP A 25 1.53 -8.17 -0.34
CA ASP A 25 0.71 -9.30 -0.84
C ASP A 25 1.35 -10.68 -0.49
N ARG A 26 2.70 -10.78 -0.36
CA ARG A 26 3.37 -11.99 0.19
C ARG A 26 3.06 -12.20 1.72
N SER A 28 2.46 -11.93 5.39
CA SER A 28 2.95 -11.01 6.43
C SER A 28 2.84 -11.63 7.86
N GLY A 29 3.90 -12.27 8.37
CA GLY A 29 3.87 -12.90 9.71
C GLY A 29 5.20 -13.58 10.03
N GLY A 30 6.07 -12.88 10.79
CA GLY A 30 7.42 -13.40 11.16
C GLY A 30 7.39 -14.13 12.51
N GLY A 1 -6.93 5.33 -7.95
CA GLY A 1 -6.74 3.95 -7.45
C GLY A 1 -6.44 3.94 -5.95
N CYS A 2 -5.14 3.89 -5.59
CA CYS A 2 -4.67 3.89 -4.18
C CYS A 2 -4.01 5.27 -3.93
N CYS A 3 -2.71 5.32 -3.60
CA CYS A 3 -1.93 6.59 -3.55
C CYS A 3 -0.44 6.28 -3.88
N GLY A 4 0.33 5.67 -2.94
CA GLY A 4 1.74 5.28 -3.21
C GLY A 4 2.81 6.02 -2.37
N PRO A 5 4.15 5.88 -2.66
CA PRO A 5 5.23 6.46 -1.82
C PRO A 5 5.44 7.99 -2.03
N TYR A 6 4.65 8.77 -1.27
CA TYR A 6 4.63 10.26 -1.34
C TYR A 6 4.40 10.84 0.10
N ASN A 8 2.37 12.30 2.58
CA ASN A 8 1.01 12.68 3.05
C ASN A 8 0.53 11.55 4.02
N ALA A 9 -0.47 11.86 4.88
CA ALA A 9 -0.99 10.91 5.91
C ALA A 9 -1.53 9.54 5.41
N ALA A 10 -2.46 9.54 4.43
CA ALA A 10 -2.86 8.29 3.72
C ALA A 10 -1.83 7.67 2.73
N CYS A 11 -1.00 8.51 2.09
CA CYS A 11 -0.13 8.09 0.96
C CYS A 11 1.07 7.23 1.41
N HIS A 12 0.95 5.92 1.14
CA HIS A 12 1.93 4.88 1.53
C HIS A 12 2.01 3.79 0.41
N CYS A 14 2.60 0.24 0.75
CA CYS A 14 1.71 -0.79 1.36
C CYS A 14 0.39 -0.26 2.00
N GLY A 15 -0.04 1.00 1.75
CA GLY A 15 -1.36 1.52 2.21
C GLY A 15 -2.64 0.97 1.55
N CYS A 16 -2.56 0.41 0.32
CA CYS A 16 -3.72 -0.08 -0.47
C CYS A 16 -4.56 -1.22 0.20
N LYS A 17 -5.74 -1.48 -0.39
CA LYS A 17 -6.57 -2.66 -0.04
C LYS A 17 -6.03 -3.96 -0.66
N VAL A 18 -6.18 -4.03 -1.98
CA VAL A 18 -5.65 -5.14 -2.82
C VAL A 18 -5.02 -4.49 -4.10
N GLY A 19 -3.75 -4.06 -3.99
CA GLY A 19 -3.01 -3.50 -5.14
C GLY A 19 -1.74 -2.73 -4.71
N ARG A 20 -0.70 -3.47 -4.32
CA ARG A 20 0.59 -2.87 -3.87
C ARG A 20 1.83 -3.50 -4.55
N TYR A 23 6.24 -7.01 -1.85
CA TYR A 23 6.27 -7.37 -0.41
C TYR A 23 4.91 -7.29 0.36
N CYS A 24 4.06 -6.31 0.02
CA CYS A 24 2.73 -6.09 0.67
C CYS A 24 1.53 -6.82 0.01
N ASP A 25 1.63 -7.08 -1.31
CA ASP A 25 0.59 -7.77 -2.11
C ASP A 25 0.78 -9.30 -2.23
N ARG A 26 2.04 -9.83 -2.28
CA ARG A 26 2.28 -11.29 -2.20
C ARG A 26 2.12 -11.87 -0.76
N SER A 28 2.47 -12.03 2.74
CA SER A 28 2.96 -11.06 3.75
C SER A 28 3.00 -11.70 5.17
N GLY A 29 4.17 -12.23 5.60
CA GLY A 29 4.30 -12.86 6.93
C GLY A 29 5.73 -13.35 7.16
N GLY A 30 5.98 -14.64 6.90
CA GLY A 30 7.31 -15.26 7.08
C GLY A 30 8.12 -15.28 5.78
N GLY A 1 -0.70 2.02 -8.54
CA GLY A 1 0.05 3.18 -8.02
C GLY A 1 1.18 2.77 -7.08
N CYS A 2 1.05 2.70 -5.75
CA CYS A 2 -0.21 2.91 -4.99
C CYS A 2 -0.41 4.40 -4.59
N CYS A 3 0.39 4.92 -3.63
CA CYS A 3 0.30 6.32 -3.17
C CYS A 3 1.76 6.82 -3.03
N GLY A 4 2.46 6.68 -1.86
CA GLY A 4 3.91 6.95 -1.82
C GLY A 4 4.33 8.45 -1.92
N PRO A 5 5.45 8.78 -2.63
CA PRO A 5 5.83 10.18 -3.01
C PRO A 5 4.76 11.14 -3.61
N TYR A 6 3.70 10.62 -4.26
CA TYR A 6 2.54 11.42 -4.71
C TYR A 6 1.26 10.86 -3.98
N ASN A 8 -2.54 11.05 -1.18
CA ASN A 8 -3.67 11.94 -0.80
C ASN A 8 -3.17 12.83 0.37
N ALA A 9 -3.20 12.36 1.64
CA ALA A 9 -2.52 13.02 2.79
C ALA A 9 -1.11 12.40 2.83
N ALA A 10 -0.92 11.30 3.56
CA ALA A 10 0.30 10.47 3.44
C ALA A 10 -0.17 8.99 3.33
N CYS A 11 -0.92 8.72 2.25
CA CYS A 11 -1.26 7.33 1.84
C CYS A 11 0.07 6.64 1.37
N HIS A 12 0.27 5.38 1.76
CA HIS A 12 1.58 4.67 1.60
C HIS A 12 1.66 3.73 0.34
N CYS A 14 2.59 0.25 0.43
CA CYS A 14 1.74 -0.74 1.15
C CYS A 14 0.51 -0.14 1.91
N GLY A 15 0.13 1.15 1.71
CA GLY A 15 -1.15 1.70 2.20
C GLY A 15 -2.42 1.05 1.54
N CYS A 16 -2.30 0.63 0.25
CA CYS A 16 -3.29 -0.19 -0.49
C CYS A 16 -3.85 -1.44 0.24
N LYS A 17 -5.15 -1.66 0.05
CA LYS A 17 -5.86 -2.91 0.43
C LYS A 17 -6.09 -3.91 -0.73
N VAL A 18 -5.94 -3.48 -2.00
CA VAL A 18 -5.96 -4.34 -3.21
C VAL A 18 -5.04 -3.64 -4.24
N GLY A 19 -3.94 -4.32 -4.62
CA GLY A 19 -2.95 -3.77 -5.60
C GLY A 19 -1.79 -3.01 -4.94
N ARG A 20 -0.82 -3.76 -4.41
CA ARG A 20 0.34 -3.23 -3.65
C ARG A 20 1.70 -3.64 -4.27
N TYR A 23 6.14 -7.17 -1.67
CA TYR A 23 6.06 -7.65 -0.26
C TYR A 23 4.64 -7.57 0.38
N CYS A 24 3.86 -6.51 0.08
CA CYS A 24 2.50 -6.29 0.66
C CYS A 24 1.31 -6.88 -0.14
N ASP A 25 1.52 -7.26 -1.41
CA ASP A 25 0.56 -8.06 -2.23
C ASP A 25 0.82 -9.59 -2.04
N ARG A 26 2.10 -10.03 -1.91
CA ARG A 26 2.46 -11.41 -1.50
C ARG A 26 2.02 -11.73 -0.03
N SER A 28 1.38 -11.70 3.56
CA SER A 28 2.05 -10.95 4.65
C SER A 28 1.85 -11.62 6.04
N GLY A 29 0.60 -11.66 6.56
CA GLY A 29 0.28 -12.45 7.78
C GLY A 29 -0.29 -13.83 7.42
N GLY A 30 0.61 -14.81 7.18
CA GLY A 30 0.22 -16.16 6.75
C GLY A 30 1.44 -16.92 6.19
N GLY A 1 -8.73 4.95 -6.70
CA GLY A 1 -8.46 3.66 -6.04
C GLY A 1 -7.85 3.85 -4.64
N CYS A 2 -6.51 3.77 -4.56
CA CYS A 2 -5.75 3.97 -3.30
C CYS A 2 -4.88 5.25 -3.48
N CYS A 3 -3.55 5.17 -3.37
CA CYS A 3 -2.63 6.29 -3.70
C CYS A 3 -1.27 5.71 -4.17
N GLY A 4 -0.39 5.23 -3.25
CA GLY A 4 0.96 4.71 -3.63
C GLY A 4 2.17 5.54 -3.09
N PRO A 5 3.41 5.40 -3.62
CA PRO A 5 4.61 6.10 -3.07
C PRO A 5 4.88 7.60 -3.44
N TYR A 6 3.98 8.32 -4.15
CA TYR A 6 4.34 9.61 -4.81
C TYR A 6 4.02 10.84 -3.87
N ASN A 8 2.27 13.00 -0.21
CA ASN A 8 2.82 13.12 1.18
C ASN A 8 1.87 12.63 2.32
N ALA A 9 0.60 13.10 2.41
CA ALA A 9 -0.27 12.87 3.60
C ALA A 9 -0.78 11.41 3.76
N ALA A 10 -1.87 11.01 3.06
CA ALA A 10 -2.32 9.58 3.02
C ALA A 10 -1.49 8.60 2.13
N CYS A 11 -0.63 9.11 1.24
CA CYS A 11 0.01 8.31 0.18
C CYS A 11 1.15 7.41 0.71
N HIS A 12 0.89 6.09 0.70
CA HIS A 12 1.85 5.05 1.17
C HIS A 12 1.87 3.88 0.14
N CYS A 14 2.51 0.36 0.62
CA CYS A 14 1.69 -0.68 1.29
C CYS A 14 0.51 -0.13 2.16
N GLY A 15 -0.06 1.05 1.84
CA GLY A 15 -1.33 1.52 2.47
C GLY A 15 -2.62 0.82 1.94
N CYS A 16 -2.62 0.40 0.66
CA CYS A 16 -3.77 -0.21 -0.04
C CYS A 16 -4.17 -1.63 0.44
N LYS A 17 -5.41 -2.00 0.10
CA LYS A 17 -5.93 -3.38 0.24
C LYS A 17 -5.53 -4.24 -0.98
N VAL A 18 -6.22 -3.93 -2.08
CA VAL A 18 -5.88 -4.43 -3.45
C VAL A 18 -4.95 -3.41 -4.18
N GLY A 19 -3.89 -3.91 -4.82
CA GLY A 19 -2.95 -3.08 -5.61
C GLY A 19 -1.77 -2.54 -4.78
N ARG A 20 -0.76 -3.38 -4.53
CA ARG A 20 0.40 -3.06 -3.66
C ARG A 20 1.70 -3.83 -4.08
N TYR A 23 6.61 -7.07 -1.62
CA TYR A 23 6.66 -7.23 -0.14
C TYR A 23 5.29 -7.10 0.61
N CYS A 24 4.36 -6.28 0.09
CA CYS A 24 3.02 -6.03 0.69
C CYS A 24 1.92 -7.07 0.31
N ASP A 25 2.08 -7.76 -0.83
CA ASP A 25 1.28 -8.94 -1.22
C ASP A 25 1.92 -10.27 -0.70
N ARG A 26 3.27 -10.39 -0.69
CA ARG A 26 3.97 -11.52 -0.01
C ARG A 26 3.86 -11.43 1.56
N SER A 28 3.60 -10.41 5.05
CA SER A 28 4.03 -9.16 5.72
C SER A 28 4.21 -9.32 7.25
N GLY A 29 3.13 -9.58 8.01
CA GLY A 29 3.20 -9.80 9.47
C GLY A 29 3.29 -11.29 9.84
N GLY A 30 4.51 -11.78 10.09
CA GLY A 30 4.74 -13.19 10.45
C GLY A 30 6.23 -13.47 10.66
N GLY A 1 4.72 4.32 -3.62
CA GLY A 1 3.61 4.87 -4.44
C GLY A 1 2.52 3.82 -4.68
N CYS A 2 1.42 3.90 -3.91
CA CYS A 2 0.18 3.16 -4.17
C CYS A 2 -0.84 4.01 -3.36
N CYS A 3 -1.67 4.82 -4.04
CA CYS A 3 -2.58 5.79 -3.36
C CYS A 3 -3.93 5.05 -3.16
N GLY A 4 -3.99 4.22 -2.11
CA GLY A 4 -5.11 3.27 -1.90
C GLY A 4 -6.44 3.85 -1.36
N PRO A 5 -7.11 3.24 -0.32
CA PRO A 5 -8.34 3.76 0.33
C PRO A 5 -8.60 5.28 0.51
N TYR A 6 -7.55 6.06 0.82
CA TYR A 6 -7.60 7.54 0.80
C TYR A 6 -6.60 7.97 -0.33
N ASN A 8 -5.04 10.54 -1.79
CA ASN A 8 -4.57 11.94 -1.73
C ASN A 8 -4.06 12.27 -0.28
N ALA A 9 -4.89 12.00 0.76
CA ALA A 9 -4.49 12.18 2.18
C ALA A 9 -3.53 11.09 2.74
N ALA A 10 -3.81 9.79 2.51
CA ALA A 10 -2.91 8.69 2.92
C ALA A 10 -2.44 7.85 1.70
N CYS A 11 -1.66 8.48 0.79
CA CYS A 11 -0.96 7.76 -0.30
C CYS A 11 0.33 7.10 0.25
N HIS A 12 0.31 5.75 0.32
CA HIS A 12 1.36 4.95 1.00
C HIS A 12 1.59 3.63 0.20
N CYS A 14 2.68 0.26 1.04
CA CYS A 14 1.88 -0.74 1.78
C CYS A 14 0.69 -0.15 2.61
N GLY A 15 0.03 0.92 2.11
CA GLY A 15 -1.25 1.43 2.66
C GLY A 15 -2.47 0.85 1.86
N CYS A 16 -2.31 0.64 0.53
CA CYS A 16 -3.23 -0.10 -0.37
C CYS A 16 -3.76 -1.45 0.19
N LYS A 17 -5.08 -1.65 0.10
CA LYS A 17 -5.73 -2.96 0.37
C LYS A 17 -5.96 -3.90 -0.84
N VAL A 18 -5.85 -3.39 -2.08
CA VAL A 18 -6.02 -4.18 -3.33
C VAL A 18 -5.02 -3.58 -4.36
N GLY A 19 -4.01 -4.37 -4.78
CA GLY A 19 -3.01 -3.93 -5.77
C GLY A 19 -1.88 -3.07 -5.16
N ARG A 20 -0.86 -3.74 -4.62
CA ARG A 20 0.28 -3.07 -3.93
C ARG A 20 1.66 -3.49 -4.50
N TYR A 23 6.21 -7.10 -1.79
CA TYR A 23 6.10 -7.53 -0.36
C TYR A 23 4.69 -7.38 0.29
N CYS A 24 3.93 -6.34 -0.07
CA CYS A 24 2.62 -6.01 0.56
C CYS A 24 1.37 -6.68 -0.09
N ASP A 25 1.48 -7.10 -1.37
CA ASP A 25 0.47 -7.94 -2.06
C ASP A 25 0.73 -9.46 -1.87
N ARG A 26 2.01 -9.93 -1.81
CA ARG A 26 2.32 -11.31 -1.41
C ARG A 26 2.24 -11.52 0.14
N SER A 28 2.87 -10.68 3.51
CA SER A 28 3.40 -9.45 4.16
C SER A 28 3.81 -9.69 5.65
N GLY A 29 2.85 -9.98 6.55
CA GLY A 29 3.14 -10.22 7.98
C GLY A 29 1.87 -10.55 8.76
N GLY A 30 1.30 -9.54 9.43
CA GLY A 30 0.06 -9.71 10.23
C GLY A 30 -0.37 -8.39 10.87
N GLY A 1 -9.08 3.05 -5.48
CA GLY A 1 -8.69 4.38 -4.95
C GLY A 1 -7.92 4.24 -3.62
N CYS A 2 -6.58 4.28 -3.69
CA CYS A 2 -5.69 4.16 -2.51
C CYS A 2 -4.98 5.54 -2.35
N CYS A 3 -3.65 5.62 -2.48
CA CYS A 3 -2.91 6.91 -2.56
C CYS A 3 -1.63 6.66 -3.41
N GLY A 4 -0.49 6.29 -2.78
CA GLY A 4 0.78 6.13 -3.52
C GLY A 4 2.08 6.23 -2.67
N PRO A 5 3.30 6.06 -3.26
CA PRO A 5 4.57 5.99 -2.50
C PRO A 5 5.14 7.26 -1.81
N TYR A 6 4.64 8.48 -2.12
CA TYR A 6 5.15 9.76 -1.55
C TYR A 6 4.32 10.08 -0.26
N ASN A 8 2.23 11.60 3.09
CA ASN A 8 1.59 12.80 3.69
C ASN A 8 0.93 12.28 5.01
N ALA A 9 -0.41 12.09 5.06
CA ALA A 9 -1.10 11.45 6.21
C ALA A 9 -1.24 9.91 5.99
N ALA A 10 -2.24 9.47 5.20
CA ALA A 10 -2.39 8.04 4.80
C ALA A 10 -1.49 7.49 3.66
N CYS A 11 -0.75 8.35 2.93
CA CYS A 11 -0.07 7.96 1.68
C CYS A 11 1.19 7.09 1.96
N HIS A 12 1.14 5.85 1.45
CA HIS A 12 2.17 4.80 1.71
C HIS A 12 2.35 3.91 0.43
N CYS A 14 2.45 0.41 0.09
CA CYS A 14 1.28 -0.48 0.26
C CYS A 14 0.35 -0.01 1.41
N GLY A 15 -0.25 1.19 1.23
CA GLY A 15 -1.38 1.64 2.10
C GLY A 15 -2.78 1.01 1.74
N CYS A 16 -2.84 0.18 0.68
CA CYS A 16 -4.05 -0.35 0.04
C CYS A 16 -4.58 -1.69 0.60
N LYS A 17 -5.77 -2.07 0.12
CA LYS A 17 -6.36 -3.41 0.31
C LYS A 17 -5.88 -4.36 -0.80
N VAL A 18 -6.35 -4.06 -2.01
CA VAL A 18 -5.87 -4.69 -3.29
C VAL A 18 -5.01 -3.64 -4.06
N GLY A 19 -3.84 -4.09 -4.55
CA GLY A 19 -2.95 -3.25 -5.41
C GLY A 19 -1.77 -2.62 -4.64
N ARG A 20 -0.66 -3.37 -4.54
CA ARG A 20 0.52 -2.97 -3.72
C ARG A 20 1.84 -3.69 -4.12
N TYR A 23 6.35 -7.38 -1.31
CA TYR A 23 6.37 -7.74 0.14
C TYR A 23 5.00 -7.71 0.90
N CYS A 24 4.10 -6.80 0.51
CA CYS A 24 2.80 -6.56 1.19
C CYS A 24 1.66 -7.57 0.88
N ASP A 25 1.71 -8.18 -0.31
CA ASP A 25 0.86 -9.33 -0.69
C ASP A 25 1.50 -10.70 -0.32
N ARG A 26 2.85 -10.83 -0.35
CA ARG A 26 3.55 -12.02 0.21
C ARG A 26 3.81 -11.84 1.74
N SER A 28 4.74 -10.01 4.68
CA SER A 28 5.05 -8.61 5.07
C SER A 28 5.77 -8.49 6.45
N GLY A 29 5.12 -8.87 7.56
CA GLY A 29 5.73 -8.79 8.91
C GLY A 29 4.76 -9.32 9.98
N GLY A 30 4.03 -8.39 10.63
CA GLY A 30 3.05 -8.74 11.69
C GLY A 30 1.64 -8.95 11.14
N GLY A 1 3.53 4.63 -4.52
CA GLY A 1 2.81 3.40 -4.89
C GLY A 1 1.30 3.50 -4.66
N CYS A 2 0.87 3.33 -3.40
CA CYS A 2 -0.56 3.44 -2.99
C CYS A 2 -0.74 4.65 -2.03
N CYS A 3 -0.54 5.90 -2.53
CA CYS A 3 -0.92 7.13 -1.77
C CYS A 3 -2.36 7.47 -2.22
N GLY A 4 -3.30 6.65 -1.73
CA GLY A 4 -4.70 6.65 -2.20
C GLY A 4 -5.61 7.79 -1.68
N PRO A 5 -6.82 7.50 -1.11
CA PRO A 5 -7.70 8.49 -0.42
C PRO A 5 -7.11 9.63 0.46
N TYR A 6 -5.96 9.40 1.12
CA TYR A 6 -5.18 10.46 1.81
C TYR A 6 -3.80 10.54 1.08
N ASN A 8 -1.03 12.46 1.04
CA ASN A 8 -0.15 13.47 1.71
C ASN A 8 -0.08 13.17 3.24
N ALA A 9 -1.24 13.05 3.93
CA ALA A 9 -1.29 12.61 5.35
C ALA A 9 -0.92 11.12 5.58
N ALA A 10 -1.49 10.18 4.81
CA ALA A 10 -1.06 8.76 4.79
C ALA A 10 -0.57 8.35 3.36
N CYS A 11 0.53 8.98 2.90
CA CYS A 11 1.22 8.60 1.64
C CYS A 11 2.19 7.42 1.91
N HIS A 12 1.80 6.23 1.45
CA HIS A 12 2.47 4.95 1.79
C HIS A 12 2.48 4.05 0.52
N CYS A 14 2.43 0.72 0.34
CA CYS A 14 1.44 -0.32 0.71
C CYS A 14 0.38 0.17 1.72
N GLY A 15 -0.36 1.27 1.43
CA GLY A 15 -1.57 1.62 2.23
C GLY A 15 -2.91 1.03 1.63
N CYS A 16 -2.80 0.09 0.67
CA CYS A 16 -3.91 -0.56 -0.07
C CYS A 16 -4.45 -1.86 0.56
N LYS A 17 -5.65 -2.23 0.07
CA LYS A 17 -6.26 -3.56 0.30
C LYS A 17 -5.86 -4.52 -0.84
N VAL A 18 -6.28 -4.14 -2.06
CA VAL A 18 -5.85 -4.76 -3.34
C VAL A 18 -5.03 -3.71 -4.16
N GLY A 19 -3.94 -4.17 -4.81
CA GLY A 19 -3.06 -3.31 -5.65
C GLY A 19 -1.90 -2.69 -4.86
N ARG A 20 -0.79 -3.43 -4.71
CA ARG A 20 0.32 -3.07 -3.79
C ARG A 20 1.66 -3.78 -4.12
N TYR A 23 6.21 -7.18 -1.32
CA TYR A 23 6.10 -7.52 0.13
C TYR A 23 4.65 -7.50 0.74
N CYS A 24 3.77 -6.61 0.24
CA CYS A 24 2.34 -6.52 0.67
C CYS A 24 1.32 -7.39 -0.14
N ASP A 25 1.70 -7.81 -1.35
CA ASP A 25 0.94 -8.81 -2.16
C ASP A 25 1.40 -10.27 -1.86
N ARG A 26 2.70 -10.53 -1.59
CA ARG A 26 3.16 -11.84 -1.07
C ARG A 26 2.70 -12.07 0.42
N SER A 28 1.75 -11.79 3.99
CA SER A 28 2.34 -10.93 5.04
C SER A 28 2.00 -11.49 6.46
N GLY A 29 2.94 -12.22 7.11
CA GLY A 29 2.70 -12.79 8.46
C GLY A 29 3.94 -13.54 8.96
N GLY A 30 3.95 -14.87 8.79
CA GLY A 30 5.08 -15.71 9.23
C GLY A 30 4.83 -17.20 8.92
#